data_3KFL
#
_entry.id   3KFL
#
_cell.length_a   68.816
_cell.length_b   88.802
_cell.length_c   101.779
_cell.angle_alpha   90.00
_cell.angle_beta   90.00
_cell.angle_gamma   90.00
#
_symmetry.space_group_name_H-M   'P 21 21 21'
#
loop_
_entity.id
_entity.type
_entity.pdbx_description
1 polymer 'Methionyl-tRNA synthetase'
2 non-polymer '[[(2R,3S,4R,5R)-5-(6-aminopurin-9-yl)-3,4-dihydroxy-oxolan-2-yl]methoxy-hydroxy-phosphoryl] (2S)-2-azanyl-4-methylsulfanyl-butanoate'
3 non-polymer 'PYROPHOSPHATE 2-'
4 non-polymer 'MAGNESIUM ION'
5 non-polymer 'ZINC ION'
6 non-polymer 1,2-ETHANEDIOL
7 non-polymer 'FORMIC ACID'
8 water water
#
_entity_poly.entity_id   1
_entity_poly.type   'polypeptide(L)'
_entity_poly.pdbx_seq_one_letter_code
;MAHHHHHHMGTLEAQTQGPGSMKKQKVFFATTPIYYVNASPHIGHVYSTLIVDVLGRYHRVKGEEVFVMTGTDEHGQKVA
EAAAKQGVSPMDFTTSVSSEFKQCFQEMNYDMNYFIRTTNPTHEKLVQDIWKKLAAKGDIYLGKYEGWYSVSDESFLTAQ
NVADGVDRDGKPCKVSLESGHVVTWVEEENYMFRLSAFRERLLKYFHDHPNCIVPEFRRREVIKTVEKGLFDLSISRKRE
SVMNWSIPVPGDERHCIYVWLDALFNYYTGALTRVATDGTETLDEDHHALNRWPADVHVVGKDILKFHAIYWPAFLMSAE
LPLPERLVSHGWWTKDHKKISKSLGNAFDPVEKAKEFGIDALKYFLMRESNFQDDGDYSDKNMVARLNGELADTLGNLVS
RCVAPKINVNGMWPEPAEYSESDKTLIASLNNLAGTVDHYYCLPDIQHALIAIFDVLRSLNAYVTENAPWKLVKMDTARL
GTVLYVTMEGLRICTMFLQPVMPQKAKEIMDALGVPEAARVGMENYLFGIVKPGTKIAGLAEGQVVFQKVTLPTEEGERS
SKGQ
;
_entity_poly.pdbx_strand_id   A
#
loop_
_chem_comp.id
_chem_comp.type
_chem_comp.name
_chem_comp.formula
EDO non-polymer 1,2-ETHANEDIOL 'C2 H6 O2'
FMT non-polymer 'FORMIC ACID' 'C H2 O2'
ME8 non-polymer '[[(2R,3S,4R,5R)-5-(6-aminopurin-9-yl)-3,4-dihydroxy-oxolan-2-yl]methoxy-hydroxy-phosphoryl] (2S)-2-azanyl-4-methylsulfanyl-butanoate' 'C15 H23 N6 O8 P S'
MG non-polymer 'MAGNESIUM ION' 'Mg 2'
POP non-polymer 'PYROPHOSPHATE 2-' 'H2 O7 P2 -2'
ZN non-polymer 'ZINC ION' 'Zn 2'
#
# COMPACT_ATOMS: atom_id res chain seq x y z
N LYS A 24 -5.14 -21.60 -15.23
CA LYS A 24 -5.75 -20.70 -14.19
C LYS A 24 -4.76 -19.63 -13.73
N GLN A 25 -5.20 -18.38 -13.75
CA GLN A 25 -4.39 -17.22 -13.36
C GLN A 25 -3.94 -17.32 -11.91
N LYS A 26 -2.74 -16.82 -11.64
CA LYS A 26 -2.25 -16.73 -10.26
C LYS A 26 -3.17 -15.77 -9.50
N VAL A 27 -3.34 -15.97 -8.20
CA VAL A 27 -4.03 -15.00 -7.36
C VAL A 27 -3.21 -13.72 -7.33
N PHE A 28 -3.85 -12.56 -7.50
CA PHE A 28 -3.15 -11.29 -7.31
C PHE A 28 -2.73 -11.13 -5.85
N PHE A 29 -1.44 -11.03 -5.61
CA PHE A 29 -0.88 -11.06 -4.26
C PHE A 29 -0.07 -9.81 -3.99
N ALA A 30 -0.49 -9.01 -3.00
CA ALA A 30 0.27 -7.82 -2.63
C ALA A 30 0.38 -7.68 -1.12
N THR A 31 1.44 -7.03 -0.70
CA THR A 31 1.82 -6.96 0.70
C THR A 31 2.28 -5.54 1.06
N THR A 32 2.03 -5.17 2.32
CA THR A 32 2.62 -4.00 2.94
C THR A 32 3.82 -4.49 3.76
N PRO A 33 4.70 -3.56 4.20
CA PRO A 33 5.67 -4.01 5.18
C PRO A 33 4.95 -4.47 6.45
N ILE A 34 5.57 -5.32 7.24
CA ILE A 34 5.11 -5.56 8.60
C ILE A 34 5.81 -4.57 9.54
N TYR A 35 4.98 -3.83 10.26
CA TYR A 35 5.41 -2.65 10.97
C TYR A 35 5.98 -3.02 12.35
N TYR A 36 7.08 -2.40 12.73
CA TYR A 36 7.61 -2.58 14.09
C TYR A 36 6.59 -2.03 15.08
N VAL A 37 6.40 -2.73 16.20
CA VAL A 37 5.40 -2.35 17.21
C VAL A 37 5.99 -1.58 18.40
N ASN A 38 6.97 -0.73 18.10
CA ASN A 38 7.64 0.09 19.11
C ASN A 38 6.82 1.30 19.54
N ALA A 39 5.81 1.67 18.74
CA ALA A 39 4.94 2.82 19.03
C ALA A 39 3.73 2.76 18.10
N SER A 40 2.81 3.71 18.32
CA SER A 40 1.51 3.76 17.63
C SER A 40 1.63 4.00 16.13
N PRO A 41 0.64 3.52 15.35
CA PRO A 41 0.63 3.77 13.92
C PRO A 41 0.47 5.25 13.60
N HIS A 42 1.11 5.70 12.52
CA HIS A 42 0.94 7.06 12.04
C HIS A 42 0.61 7.07 10.53
N ILE A 43 0.60 8.25 9.93
CA ILE A 43 0.14 8.41 8.55
C ILE A 43 0.97 7.61 7.53
N GLY A 44 2.24 7.37 7.85
CA GLY A 44 3.11 6.55 7.01
C GLY A 44 2.66 5.11 6.87
N HIS A 45 2.24 4.51 7.97
CA HIS A 45 1.74 3.13 7.91
C HIS A 45 0.35 3.05 7.27
N VAL A 46 -0.49 4.04 7.56
CA VAL A 46 -1.78 4.19 6.89
C VAL A 46 -1.58 4.38 5.36
N TYR A 47 -0.54 5.13 4.97
CA TYR A 47 -0.20 5.36 3.56
C TYR A 47 0.23 4.07 2.80
N SER A 48 1.26 3.37 3.29
CA SER A 48 1.67 2.12 2.63
C SER A 48 0.55 1.09 2.62
N THR A 49 -0.21 1.00 3.70
CA THR A 49 -1.34 0.07 3.76
C THR A 49 -2.46 0.45 2.79
N LEU A 50 -2.72 1.76 2.64
CA LEU A 50 -3.65 2.27 1.63
C LEU A 50 -3.24 1.89 0.19
N ILE A 51 -1.95 2.01 -0.14
CA ILE A 51 -1.50 1.70 -1.50
C ILE A 51 -1.88 0.26 -1.82
N VAL A 52 -1.58 -0.63 -0.89
CA VAL A 52 -1.84 -2.03 -1.06
C VAL A 52 -3.35 -2.30 -1.11
N ASP A 53 -4.11 -1.61 -0.26
CA ASP A 53 -5.57 -1.78 -0.26
C ASP A 53 -6.17 -1.35 -1.59
N VAL A 54 -5.65 -0.27 -2.16
CA VAL A 54 -6.13 0.23 -3.45
C VAL A 54 -5.87 -0.78 -4.57
N LEU A 55 -4.66 -1.33 -4.59
CA LEU A 55 -4.30 -2.31 -5.61
C LEU A 55 -5.17 -3.55 -5.46
N GLY A 56 -5.24 -4.07 -4.25
CA GLY A 56 -6.13 -5.19 -3.97
C GLY A 56 -7.53 -4.92 -4.48
N ARG A 57 -8.08 -3.77 -4.12
CA ARG A 57 -9.47 -3.42 -4.48
C ARG A 57 -9.64 -3.29 -5.99
N TYR A 58 -8.66 -2.67 -6.69
CA TYR A 58 -8.79 -2.57 -8.15
C TYR A 58 -8.83 -3.97 -8.81
N HIS A 59 -7.95 -4.88 -8.40
CA HIS A 59 -7.95 -6.22 -8.95
C HIS A 59 -9.21 -7.01 -8.61
N ARG A 60 -9.82 -6.76 -7.44
CA ARG A 60 -11.15 -7.32 -7.17
C ARG A 60 -12.17 -6.73 -8.11
N VAL A 61 -12.14 -5.42 -8.29
CA VAL A 61 -13.07 -4.73 -9.19
C VAL A 61 -12.93 -5.24 -10.63
N LYS A 62 -11.70 -5.56 -11.02
CA LYS A 62 -11.42 -6.13 -12.33
C LYS A 62 -11.91 -7.58 -12.51
N GLY A 63 -12.17 -8.27 -11.41
CA GLY A 63 -12.76 -9.61 -11.45
C GLY A 63 -11.80 -10.73 -11.09
N GLU A 64 -10.63 -10.39 -10.56
CA GLU A 64 -9.59 -11.37 -10.26
C GLU A 64 -9.69 -11.86 -8.82
N GLU A 65 -9.11 -13.04 -8.58
CA GLU A 65 -8.82 -13.49 -7.21
C GLU A 65 -7.74 -12.59 -6.63
N VAL A 66 -7.94 -12.19 -5.37
CA VAL A 66 -7.03 -11.26 -4.71
C VAL A 66 -6.69 -11.73 -3.28
N PHE A 67 -5.43 -11.59 -2.91
CA PHE A 67 -5.04 -11.78 -1.52
C PHE A 67 -4.04 -10.69 -1.18
N VAL A 68 -4.40 -9.80 -0.27
CA VAL A 68 -3.46 -8.77 0.18
C VAL A 68 -3.36 -8.89 1.69
N MET A 69 -2.19 -8.56 2.20
CA MET A 69 -1.88 -8.73 3.61
C MET A 69 -1.06 -7.57 4.13
N THR A 70 -1.11 -7.40 5.45
CA THR A 70 -0.27 -6.45 6.17
C THR A 70 0.03 -7.13 7.52
N GLY A 71 0.63 -6.41 8.46
CA GLY A 71 0.94 -7.02 9.75
C GLY A 71 1.97 -6.32 10.58
N THR A 72 2.39 -7.01 11.64
CA THR A 72 3.30 -6.45 12.62
C THR A 72 4.57 -7.29 12.85
N ASP A 73 5.69 -6.58 12.95
CA ASP A 73 7.01 -7.14 13.08
C ASP A 73 7.37 -6.99 14.56
N GLU A 74 7.35 -8.08 15.31
CA GLU A 74 7.27 -8.03 16.77
C GLU A 74 8.53 -8.46 17.55
N HIS A 75 9.53 -9.01 16.87
CA HIS A 75 10.74 -9.47 17.54
C HIS A 75 11.85 -8.44 17.49
N GLY A 76 12.93 -8.71 18.22
CA GLY A 76 14.18 -7.96 18.07
C GLY A 76 14.44 -6.95 19.18
N GLN A 77 15.64 -6.38 19.16
CA GLN A 77 16.09 -5.45 20.18
C GLN A 77 15.29 -4.13 20.19
N LYS A 78 14.98 -3.60 19.02
CA LYS A 78 14.24 -2.34 18.92
C LYS A 78 12.91 -2.44 19.66
N VAL A 79 12.17 -3.51 19.39
CA VAL A 79 10.86 -3.72 20.01
C VAL A 79 11.01 -4.04 21.51
N ALA A 80 11.97 -4.90 21.85
CA ALA A 80 12.16 -5.33 23.23
C ALA A 80 12.51 -4.14 24.12
N GLU A 81 13.32 -3.24 23.58
CA GLU A 81 13.72 -2.05 24.32
C GLU A 81 12.57 -1.06 24.43
N ALA A 82 11.72 -0.99 23.41
CA ALA A 82 10.51 -0.18 23.51
C ALA A 82 9.61 -0.69 24.64
N ALA A 83 9.40 -2.01 24.70
CA ALA A 83 8.61 -2.63 25.77
C ALA A 83 9.18 -2.39 27.17
N ALA A 84 10.46 -2.70 27.34
CA ALA A 84 11.21 -2.43 28.59
C ALA A 84 11.00 -0.99 29.08
N LYS A 85 11.09 -0.04 28.15
CA LYS A 85 10.89 1.36 28.47
C LYS A 85 9.51 1.62 29.10
N GLN A 86 8.47 0.89 28.70
CA GLN A 86 7.13 1.04 29.27
C GLN A 86 6.88 0.17 30.50
N GLY A 87 7.89 -0.58 30.93
CA GLY A 87 7.74 -1.48 32.08
C GLY A 87 6.74 -2.60 31.83
N VAL A 88 6.70 -3.07 30.59
CA VAL A 88 5.74 -4.06 30.12
C VAL A 88 6.49 -5.23 29.49
N SER A 89 6.07 -6.46 29.77
CA SER A 89 6.66 -7.64 29.14
C SER A 89 6.53 -7.52 27.62
N PRO A 90 7.54 -7.99 26.87
CA PRO A 90 7.43 -7.83 25.43
C PRO A 90 6.17 -8.45 24.82
N MET A 91 5.67 -9.57 25.35
CA MET A 91 4.47 -10.20 24.76
C MET A 91 3.21 -9.37 25.05
N ASP A 92 3.11 -8.81 26.25
CA ASP A 92 2.01 -7.90 26.58
C ASP A 92 2.10 -6.63 25.72
N PHE A 93 3.32 -6.14 25.52
CA PHE A 93 3.53 -4.91 24.76
C PHE A 93 3.21 -5.12 23.30
N THR A 94 3.78 -6.17 22.71
CA THR A 94 3.60 -6.44 21.28
C THR A 94 2.13 -6.72 20.96
N THR A 95 1.41 -7.37 21.87
CA THR A 95 -0.01 -7.67 21.66
C THR A 95 -0.85 -6.39 21.69
N SER A 96 -0.64 -5.58 22.72
CA SER A 96 -1.28 -4.27 22.82
C SER A 96 -1.01 -3.36 21.60
N VAL A 97 0.26 -3.19 21.25
CA VAL A 97 0.60 -2.29 20.16
C VAL A 97 0.19 -2.86 18.80
N SER A 98 0.33 -4.18 18.63
CA SER A 98 -0.21 -4.82 17.41
C SER A 98 -1.69 -4.52 17.24
N SER A 99 -2.44 -4.54 18.35
CA SER A 99 -3.87 -4.23 18.32
C SER A 99 -4.16 -2.80 17.88
N GLU A 100 -3.24 -1.89 18.13
CA GLU A 100 -3.37 -0.50 17.66
C GLU A 100 -3.28 -0.43 16.15
N PHE A 101 -2.40 -1.23 15.56
CA PHE A 101 -2.34 -1.32 14.11
C PHE A 101 -3.60 -1.97 13.52
N LYS A 102 -4.03 -3.08 14.09
CA LYS A 102 -5.23 -3.75 13.57
C LYS A 102 -6.45 -2.79 13.63
N GLN A 103 -6.69 -2.20 14.80
CA GLN A 103 -7.79 -1.25 14.96
CA GLN A 103 -7.75 -1.21 15.01
C GLN A 103 -7.65 -0.06 14.00
N CYS A 104 -6.42 0.47 13.84
CA CYS A 104 -6.19 1.62 12.96
C CYS A 104 -6.66 1.30 11.55
N PHE A 105 -6.23 0.17 11.04
CA PHE A 105 -6.57 -0.27 9.70
C PHE A 105 -8.09 -0.55 9.52
N GLN A 106 -8.74 -1.06 10.55
CA GLN A 106 -10.18 -1.25 10.51
C GLN A 106 -10.89 0.10 10.37
N GLU A 107 -10.44 1.08 11.16
CA GLU A 107 -10.94 2.46 11.10
C GLU A 107 -10.79 3.10 9.74
N MET A 108 -9.73 2.72 9.01
CA MET A 108 -9.48 3.25 7.67
C MET A 108 -10.27 2.52 6.58
N ASN A 109 -11.13 1.57 6.98
CA ASN A 109 -11.96 0.80 6.06
C ASN A 109 -11.14 0.13 4.93
N TYR A 110 -10.01 -0.50 5.29
CA TYR A 110 -9.25 -1.33 4.34
C TYR A 110 -9.90 -2.70 4.19
N ASP A 111 -9.68 -3.32 3.02
CA ASP A 111 -10.12 -4.69 2.73
C ASP A 111 -8.89 -5.62 2.66
N MET A 112 -8.24 -5.84 3.80
CA MET A 112 -7.12 -6.76 3.86
C MET A 112 -7.66 -8.17 4.02
N ASN A 113 -7.02 -9.11 3.35
CA ASN A 113 -7.33 -10.52 3.50
C ASN A 113 -6.69 -11.14 4.75
N TYR A 114 -5.56 -10.60 5.20
CA TYR A 114 -4.77 -11.26 6.25
C TYR A 114 -3.91 -10.26 6.99
N PHE A 115 -3.90 -10.40 8.32
CA PHE A 115 -3.11 -9.58 9.21
C PHE A 115 -2.24 -10.56 9.98
N ILE A 116 -0.94 -10.53 9.70
CA ILE A 116 0.03 -11.46 10.27
C ILE A 116 0.74 -10.80 11.47
N ARG A 117 1.14 -11.63 12.43
CA ARG A 117 2.07 -11.23 13.50
C ARG A 117 3.24 -12.21 13.52
N THR A 118 4.47 -11.69 13.55
CA THR A 118 5.64 -12.59 13.55
C THR A 118 5.79 -13.43 14.80
N THR A 119 5.05 -13.12 15.87
CA THR A 119 4.92 -14.00 17.03
C THR A 119 3.97 -15.20 16.79
N ASN A 120 3.29 -15.24 15.64
CA ASN A 120 2.45 -16.39 15.31
C ASN A 120 3.25 -17.69 15.27
N PRO A 121 2.74 -18.76 15.91
CA PRO A 121 3.45 -20.05 15.87
C PRO A 121 3.68 -20.58 14.45
N THR A 122 2.77 -20.31 13.52
CA THR A 122 2.94 -20.79 12.13
C THR A 122 4.12 -20.08 11.48
N HIS A 123 4.22 -18.79 11.70
CA HIS A 123 5.32 -18.01 11.16
C HIS A 123 6.68 -18.39 11.73
N GLU A 124 6.74 -18.54 13.06
CA GLU A 124 8.00 -18.87 13.71
C GLU A 124 8.55 -20.20 13.22
N LYS A 125 7.67 -21.20 13.09
CA LYS A 125 8.08 -22.49 12.60
C LYS A 125 8.54 -22.38 11.13
N LEU A 126 7.82 -21.58 10.33
CA LEU A 126 8.16 -21.37 8.93
C LEU A 126 9.56 -20.78 8.84
N VAL A 127 9.84 -19.78 9.66
CA VAL A 127 11.16 -19.13 9.66
C VAL A 127 12.26 -20.12 10.00
N GLN A 128 11.99 -21.01 10.96
CA GLN A 128 12.95 -22.05 11.32
C GLN A 128 13.16 -23.03 10.16
N ASP A 129 12.08 -23.37 9.45
CA ASP A 129 12.21 -24.26 8.31
C ASP A 129 13.07 -23.64 7.21
N ILE A 130 12.93 -22.32 7.02
CA ILE A 130 13.69 -21.57 6.04
C ILE A 130 15.16 -21.54 6.45
N TRP A 131 15.42 -21.28 7.73
CA TRP A 131 16.78 -21.38 8.26
C TRP A 131 17.43 -22.69 7.85
N LYS A 132 16.75 -23.80 8.11
CA LYS A 132 17.28 -25.12 7.77
C LYS A 132 17.50 -25.29 6.26
N LYS A 133 16.67 -24.67 5.43
CA LYS A 133 16.86 -24.78 3.98
CA LYS A 133 16.85 -24.76 3.98
C LYS A 133 18.12 -24.02 3.56
N LEU A 134 18.29 -22.82 4.11
CA LEU A 134 19.48 -22.00 3.80
C LEU A 134 20.77 -22.69 4.27
N ALA A 135 20.69 -23.36 5.42
CA ALA A 135 21.81 -24.15 5.94
C ALA A 135 22.14 -25.37 5.07
N ALA A 136 21.12 -26.08 4.61
CA ALA A 136 21.29 -27.28 3.79
C ALA A 136 21.90 -26.91 2.45
N LYS A 137 21.56 -25.71 1.98
CA LYS A 137 22.16 -25.16 0.77
C LYS A 137 23.66 -24.83 0.90
N GLY A 138 24.13 -24.62 2.14
CA GLY A 138 25.52 -24.28 2.38
C GLY A 138 25.76 -22.78 2.44
N ASP A 139 24.69 -22.01 2.58
CA ASP A 139 24.78 -20.56 2.55
C ASP A 139 24.92 -19.90 3.93
N ILE A 140 25.08 -20.70 4.98
CA ILE A 140 25.25 -20.19 6.33
C ILE A 140 26.55 -20.72 6.93
N TYR A 141 27.29 -19.83 7.58
CA TYR A 141 28.46 -20.25 8.35
C TYR A 141 28.52 -19.51 9.68
N LEU A 142 29.29 -20.05 10.61
CA LEU A 142 29.51 -19.37 11.88
C LEU A 142 30.69 -18.41 11.72
N GLY A 143 30.48 -17.16 12.10
CA GLY A 143 31.57 -16.19 12.10
C GLY A 143 31.39 -15.14 13.19
N LYS A 144 32.04 -13.99 12.99
CA LYS A 144 31.99 -12.88 13.95
C LYS A 144 31.64 -11.59 13.23
N TYR A 145 30.59 -10.91 13.66
CA TYR A 145 30.35 -9.55 13.18
C TYR A 145 31.06 -8.57 14.10
N GLU A 146 31.94 -7.77 13.52
CA GLU A 146 32.56 -6.62 14.20
C GLU A 146 32.33 -5.39 13.34
N GLY A 147 31.43 -4.50 13.78
CA GLY A 147 30.99 -3.39 12.95
C GLY A 147 29.86 -2.60 13.58
N TRP A 148 29.34 -1.63 12.82
CA TRP A 148 28.30 -0.74 13.30
C TRP A 148 26.93 -1.36 13.12
N TYR A 149 26.03 -1.06 14.05
CA TYR A 149 24.63 -1.47 13.97
C TYR A 149 23.74 -0.32 14.39
N SER A 150 22.67 -0.07 13.63
CA SER A 150 21.65 0.89 14.03
C SER A 150 20.49 0.10 14.61
N VAL A 151 20.28 0.20 15.93
CA VAL A 151 19.19 -0.54 16.57
C VAL A 151 17.83 -0.06 16.08
N SER A 152 17.65 1.26 15.93
CA SER A 152 16.35 1.80 15.49
C SER A 152 15.92 1.28 14.10
N ASP A 153 16.88 1.01 13.23
CA ASP A 153 16.64 0.46 11.88
C ASP A 153 16.89 -1.04 11.77
N GLU A 154 17.43 -1.63 12.84
CA GLU A 154 17.89 -3.01 12.86
C GLU A 154 18.74 -3.31 11.64
N SER A 155 19.74 -2.47 11.45
CA SER A 155 20.51 -2.46 10.24
C SER A 155 21.99 -2.48 10.56
N PHE A 156 22.70 -3.34 9.83
CA PHE A 156 24.16 -3.39 9.85
C PHE A 156 24.69 -2.36 8.89
N LEU A 157 25.73 -1.65 9.32
CA LEU A 157 26.25 -0.55 8.54
C LEU A 157 27.73 -0.74 8.34
N THR A 158 28.17 -0.59 7.09
CA THR A 158 29.60 -0.63 6.76
C THR A 158 30.24 0.71 7.11
N ALA A 159 31.56 0.74 7.04
CA ALA A 159 32.35 1.93 7.41
C ALA A 159 32.01 3.15 6.57
N GLN A 160 31.59 2.93 5.32
CA GLN A 160 31.22 4.01 4.42
C GLN A 160 29.75 4.40 4.54
N ASN A 161 29.03 3.81 5.49
CA ASN A 161 27.64 4.17 5.75
C ASN A 161 27.40 4.78 7.13
N VAL A 162 28.46 5.31 7.72
CA VAL A 162 28.36 6.00 8.99
C VAL A 162 29.17 7.27 8.91
N ALA A 163 28.81 8.24 9.73
CA ALA A 163 29.50 9.51 9.74
C ALA A 163 29.56 9.99 11.17
N ASP A 164 30.60 10.77 11.48
CA ASP A 164 30.64 11.46 12.76
C ASP A 164 29.49 12.44 12.76
N GLY A 165 28.69 12.40 13.83
CA GLY A 165 27.58 13.31 14.01
C GLY A 165 27.40 13.63 15.47
N VAL A 166 26.15 13.88 15.86
CA VAL A 166 25.81 14.26 17.23
C VAL A 166 24.46 13.66 17.56
N ASP A 167 24.28 13.24 18.82
CA ASP A 167 23.01 12.67 19.27
C ASP A 167 22.11 13.77 19.83
N ARG A 168 20.93 13.37 20.30
CA ARG A 168 19.94 14.31 20.83
C ARG A 168 20.45 15.18 22.02
N ASP A 169 21.52 14.76 22.68
CA ASP A 169 22.04 15.46 23.86
C ASP A 169 23.28 16.33 23.59
N GLY A 170 23.65 16.49 22.32
CA GLY A 170 24.82 17.28 21.95
C GLY A 170 26.17 16.57 22.07
N LYS A 171 26.14 15.30 22.49
CA LYS A 171 27.35 14.50 22.64
C LYS A 171 27.72 13.93 21.28
N PRO A 172 28.96 14.20 20.80
CA PRO A 172 29.32 13.69 19.48
C PRO A 172 29.37 12.16 19.45
N CYS A 173 29.04 11.58 18.30
CA CYS A 173 28.90 10.14 18.16
C CYS A 173 28.94 9.79 16.68
N LYS A 174 28.85 8.50 16.37
CA LYS A 174 28.66 8.05 15.00
C LYS A 174 27.17 7.93 14.72
N VAL A 175 26.77 8.29 13.50
CA VAL A 175 25.38 8.17 13.08
C VAL A 175 25.28 7.40 11.77
N SER A 176 24.09 6.86 11.53
CA SER A 176 23.78 6.15 10.29
C SER A 176 23.60 7.16 9.17
N LEU A 177 24.25 6.91 8.03
CA LEU A 177 23.96 7.68 6.81
C LEU A 177 22.66 7.22 6.16
N GLU A 178 22.13 6.07 6.56
CA GLU A 178 20.78 5.68 6.11
C GLU A 178 19.69 6.54 6.77
N SER A 179 19.73 6.68 8.10
CA SER A 179 18.60 7.22 8.86
C SER A 179 18.89 8.45 9.75
N GLY A 180 20.16 8.79 9.96
CA GLY A 180 20.54 9.80 10.95
C GLY A 180 20.63 9.24 12.37
N HIS A 181 20.22 8.00 12.60
CA HIS A 181 20.22 7.45 13.97
C HIS A 181 21.62 7.12 14.50
N VAL A 182 21.74 7.12 15.83
CA VAL A 182 22.98 6.77 16.50
C VAL A 182 23.30 5.29 16.25
N VAL A 183 24.53 5.03 15.82
CA VAL A 183 24.99 3.67 15.56
C VAL A 183 25.84 3.18 16.74
N THR A 184 25.86 1.86 16.94
CA THR A 184 26.58 1.26 18.06
C THR A 184 27.50 0.14 17.57
N TRP A 185 28.67 0.02 18.20
CA TRP A 185 29.66 -0.97 17.80
C TRP A 185 29.33 -2.33 18.38
N VAL A 186 29.24 -3.33 17.50
CA VAL A 186 28.93 -4.69 17.88
C VAL A 186 30.12 -5.62 17.57
N GLU A 187 30.58 -6.36 18.57
CA GLU A 187 31.54 -7.44 18.41
C GLU A 187 30.91 -8.69 18.97
N GLU A 188 30.55 -9.62 18.08
CA GLU A 188 29.67 -10.71 18.48
C GLU A 188 29.80 -11.90 17.52
N GLU A 189 29.82 -13.11 18.10
CA GLU A 189 29.70 -14.35 17.33
C GLU A 189 28.31 -14.38 16.71
N ASN A 190 28.23 -14.47 15.38
CA ASN A 190 26.95 -14.48 14.66
C ASN A 190 27.04 -15.50 13.53
N TYR A 191 25.94 -16.21 13.29
CA TYR A 191 25.79 -16.98 12.04
C TYR A 191 25.68 -15.99 10.90
N MET A 192 26.36 -16.28 9.80
CA MET A 192 26.45 -15.40 8.64
C MET A 192 25.82 -16.07 7.42
N PHE A 193 25.13 -15.26 6.61
CA PHE A 193 24.59 -15.68 5.31
C PHE A 193 25.54 -15.23 4.21
N ARG A 194 25.80 -16.08 3.22
CA ARG A 194 26.79 -15.82 2.16
C ARG A 194 26.30 -14.86 1.06
N LEU A 195 25.85 -13.68 1.46
CA LEU A 195 25.27 -12.71 0.56
C LEU A 195 26.25 -12.30 -0.56
N SER A 196 27.54 -12.28 -0.24
CA SER A 196 28.54 -11.93 -1.23
C SER A 196 28.48 -12.87 -2.44
N ALA A 197 28.03 -14.11 -2.24
CA ALA A 197 27.99 -15.11 -3.31
C ALA A 197 26.84 -14.91 -4.31
N PHE A 198 25.92 -14.01 -3.99
CA PHE A 198 24.74 -13.77 -4.82
C PHE A 198 24.85 -12.54 -5.71
N ARG A 199 25.97 -11.84 -5.63
CA ARG A 199 26.18 -10.64 -6.44
C ARG A 199 25.83 -10.82 -7.91
N GLU A 200 26.40 -11.82 -8.55
CA GLU A 200 26.20 -11.99 -9.99
C GLU A 200 24.75 -12.42 -10.26
N ARG A 201 24.20 -13.26 -9.40
CA ARG A 201 22.83 -13.72 -9.60
C ARG A 201 21.81 -12.58 -9.40
N LEU A 202 22.05 -11.69 -8.44
CA LEU A 202 21.17 -10.54 -8.23
C LEU A 202 21.22 -9.58 -9.42
N LEU A 203 22.43 -9.27 -9.89
CA LEU A 203 22.61 -8.37 -11.03
C LEU A 203 21.87 -8.89 -12.26
N LYS A 204 21.97 -10.19 -12.50
CA LYS A 204 21.28 -10.80 -13.63
C LYS A 204 19.75 -10.69 -13.49
N TYR A 205 19.22 -10.90 -12.28
CA TYR A 205 17.77 -10.74 -12.06
C TYR A 205 17.35 -9.30 -12.35
N PHE A 206 18.07 -8.32 -11.81
CA PHE A 206 17.69 -6.91 -11.99
C PHE A 206 17.66 -6.53 -13.48
N HIS A 207 18.68 -6.96 -14.22
CA HIS A 207 18.81 -6.64 -15.64
C HIS A 207 17.82 -7.39 -16.53
N ASP A 208 17.50 -8.63 -16.17
CA ASP A 208 16.51 -9.43 -16.91
C ASP A 208 15.06 -9.09 -16.57
N HIS A 209 14.85 -8.32 -15.51
CA HIS A 209 13.50 -7.95 -15.10
C HIS A 209 13.46 -6.44 -14.88
N PRO A 210 13.34 -5.67 -15.97
CA PRO A 210 13.57 -4.22 -15.90
C PRO A 210 12.56 -3.43 -15.07
N ASN A 211 11.41 -4.04 -14.76
CA ASN A 211 10.43 -3.42 -13.87
C ASN A 211 10.27 -4.16 -12.56
N CYS A 212 11.33 -4.84 -12.12
CA CYS A 212 11.30 -5.59 -10.87
C CYS A 212 11.28 -4.65 -9.65
N ILE A 213 11.80 -3.44 -9.82
CA ILE A 213 11.82 -2.43 -8.78
C ILE A 213 11.34 -1.11 -9.38
N VAL A 214 10.31 -0.52 -8.78
CA VAL A 214 9.83 0.81 -9.17
C VAL A 214 9.81 1.80 -7.98
N PRO A 215 10.04 3.09 -8.24
CA PRO A 215 10.40 3.71 -9.52
C PRO A 215 11.79 3.29 -10.03
N GLU A 216 12.04 3.54 -11.31
CA GLU A 216 13.26 3.11 -11.99
C GLU A 216 14.55 3.62 -11.32
N PHE A 217 14.55 4.85 -10.83
CA PHE A 217 15.78 5.37 -10.24
C PHE A 217 16.19 4.59 -8.98
N ARG A 218 15.24 3.94 -8.31
CA ARG A 218 15.59 3.11 -7.16
C ARG A 218 16.14 1.75 -7.61
N ARG A 219 15.63 1.22 -8.72
CA ARG A 219 16.21 0.06 -9.34
C ARG A 219 17.69 0.29 -9.66
N ARG A 220 17.97 1.47 -10.21
CA ARG A 220 19.32 1.84 -10.59
C ARG A 220 20.20 2.00 -9.37
N GLU A 221 19.65 2.55 -8.27
CA GLU A 221 20.40 2.68 -7.03
C GLU A 221 20.79 1.30 -6.51
N VAL A 222 19.87 0.33 -6.60
CA VAL A 222 20.16 -1.03 -6.15
C VAL A 222 21.25 -1.67 -6.99
N ILE A 223 21.14 -1.53 -8.32
CA ILE A 223 22.17 -2.04 -9.23
C ILE A 223 23.52 -1.46 -8.89
N LYS A 224 23.60 -0.14 -8.69
CA LYS A 224 24.90 0.50 -8.41
C LYS A 224 25.52 -0.05 -7.14
N THR A 225 24.69 -0.27 -6.12
CA THR A 225 25.12 -0.83 -4.84
C THR A 225 25.63 -2.26 -5.01
N VAL A 226 24.86 -3.10 -5.70
CA VAL A 226 25.27 -4.50 -5.89
C VAL A 226 26.53 -4.60 -6.77
N GLU A 227 26.65 -3.73 -7.77
CA GLU A 227 27.84 -3.74 -8.61
C GLU A 227 29.09 -3.42 -7.81
N LYS A 228 28.95 -2.56 -6.78
CA LYS A 228 30.09 -2.21 -5.92
C LYS A 228 30.65 -3.38 -5.10
N GLY A 229 29.82 -4.38 -4.83
CA GLY A 229 30.24 -5.55 -4.05
C GLY A 229 29.37 -5.67 -2.82
N LEU A 230 29.03 -6.90 -2.44
CA LEU A 230 28.32 -7.16 -1.21
C LEU A 230 29.22 -7.89 -0.20
N PHE A 231 29.12 -7.49 1.07
CA PHE A 231 29.67 -8.24 2.19
C PHE A 231 28.63 -9.27 2.60
N ASP A 232 29.06 -10.28 3.35
CA ASP A 232 28.14 -11.25 3.90
C ASP A 232 27.31 -10.58 4.99
N LEU A 233 26.23 -11.23 5.39
CA LEU A 233 25.27 -10.60 6.29
C LEU A 233 25.04 -11.45 7.54
N SER A 234 25.13 -10.83 8.70
CA SER A 234 24.80 -11.48 9.96
C SER A 234 23.32 -11.78 10.04
N ILE A 235 22.98 -13.06 10.20
CA ILE A 235 21.58 -13.48 10.29
C ILE A 235 21.21 -14.12 11.64
N SER A 236 22.12 -14.01 12.61
CA SER A 236 21.78 -14.29 14.01
C SER A 236 22.39 -13.24 14.92
N ARG A 237 21.88 -13.24 16.14
CA ARG A 237 22.45 -12.48 17.25
C ARG A 237 22.45 -13.40 18.46
N LYS A 238 23.33 -13.13 19.43
CA LYS A 238 23.31 -13.86 20.70
C LYS A 238 21.99 -13.52 21.35
N ARG A 239 21.37 -14.51 21.98
CA ARG A 239 20.03 -14.30 22.51
C ARG A 239 19.98 -13.13 23.50
N GLU A 240 21.04 -12.94 24.28
CA GLU A 240 21.09 -11.86 25.28
C GLU A 240 21.01 -10.46 24.65
N SER A 241 21.58 -10.31 23.46
CA SER A 241 21.59 -9.02 22.76
C SER A 241 20.20 -8.60 22.30
N VAL A 242 19.29 -9.55 22.10
CA VAL A 242 17.90 -9.23 21.74
C VAL A 242 16.96 -9.54 22.89
N MET A 243 17.52 -9.62 24.10
CA MET A 243 16.72 -9.81 25.31
C MET A 243 15.82 -11.05 25.20
N ASN A 244 16.32 -12.09 24.53
CA ASN A 244 15.57 -13.34 24.33
C ASN A 244 14.22 -13.15 23.65
N TRP A 245 14.08 -12.10 22.84
CA TRP A 245 12.80 -11.80 22.23
C TRP A 245 12.87 -11.90 20.69
N SER A 246 13.39 -13.03 20.21
CA SER A 246 13.48 -13.36 18.81
C SER A 246 13.35 -14.88 18.66
N ILE A 247 13.17 -15.34 17.43
CA ILE A 247 13.06 -16.77 17.16
C ILE A 247 14.42 -17.42 17.35
N PRO A 248 14.48 -18.51 18.12
CA PRO A 248 15.75 -19.22 18.27
C PRO A 248 16.23 -19.86 16.95
N VAL A 249 17.54 -19.85 16.75
CA VAL A 249 18.16 -20.60 15.66
C VAL A 249 17.94 -22.08 15.93
N PRO A 250 17.33 -22.81 14.97
CA PRO A 250 17.06 -24.23 15.26
C PRO A 250 18.35 -25.00 15.45
N GLY A 251 18.43 -25.75 16.53
CA GLY A 251 19.63 -26.52 16.87
C GLY A 251 20.67 -25.78 17.70
N ASP A 252 20.54 -24.46 17.83
CA ASP A 252 21.49 -23.65 18.59
C ASP A 252 20.78 -22.49 19.29
N GLU A 253 20.15 -22.84 20.41
CA GLU A 253 19.32 -21.89 21.17
CA GLU A 253 19.34 -21.92 21.22
C GLU A 253 20.12 -20.74 21.80
N ARG A 254 21.45 -20.78 21.69
CA ARG A 254 22.27 -19.64 22.15
C ARG A 254 22.06 -18.43 21.24
N HIS A 255 21.67 -18.68 19.98
CA HIS A 255 21.48 -17.66 18.97
C HIS A 255 20.00 -17.47 18.66
N CYS A 256 19.68 -16.24 18.25
CA CYS A 256 18.36 -15.88 17.78
C CYS A 256 18.42 -15.43 16.31
N ILE A 257 17.37 -15.70 15.55
CA ILE A 257 17.33 -15.32 14.14
C ILE A 257 17.11 -13.79 13.99
N TYR A 258 17.99 -13.18 13.21
CA TYR A 258 17.95 -11.76 12.85
C TYR A 258 16.54 -11.35 12.54
N VAL A 259 16.08 -10.28 13.18
CA VAL A 259 14.70 -9.82 13.04
C VAL A 259 14.29 -9.66 11.55
N TRP A 260 15.23 -9.25 10.71
CA TRP A 260 14.92 -9.01 9.29
C TRP A 260 14.76 -10.28 8.46
N LEU A 261 15.48 -11.35 8.77
CA LEU A 261 15.23 -12.66 8.12
C LEU A 261 13.85 -13.21 8.49
N ASP A 262 13.56 -13.21 9.78
CA ASP A 262 12.22 -13.52 10.35
C ASP A 262 11.14 -12.70 9.64
N ALA A 263 11.35 -11.39 9.58
CA ALA A 263 10.31 -10.46 9.14
C ALA A 263 10.02 -10.60 7.64
N LEU A 264 11.08 -10.66 6.84
CA LEU A 264 10.95 -10.70 5.39
C LEU A 264 10.11 -11.93 4.99
N PHE A 265 10.30 -13.05 5.68
CA PHE A 265 9.56 -14.26 5.29
C PHE A 265 8.10 -14.27 5.73
N ASN A 266 7.65 -13.21 6.39
CA ASN A 266 6.22 -13.04 6.66
C ASN A 266 5.40 -13.16 5.37
N TYR A 267 5.96 -12.68 4.27
CA TYR A 267 5.25 -12.69 2.97
C TYR A 267 5.00 -14.14 2.52
N TYR A 268 5.97 -15.01 2.79
CA TYR A 268 5.83 -16.42 2.42
C TYR A 268 4.84 -17.13 3.32
N THR A 269 4.90 -16.85 4.62
CA THR A 269 3.94 -17.38 5.58
C THR A 269 2.54 -16.99 5.13
N GLY A 270 2.39 -15.73 4.75
CA GLY A 270 1.13 -15.22 4.24
C GLY A 270 0.67 -15.99 3.00
N ALA A 271 1.59 -16.21 2.08
CA ALA A 271 1.31 -16.99 0.87
C ALA A 271 0.81 -18.42 1.17
N LEU A 272 1.23 -18.99 2.31
CA LEU A 272 0.86 -20.39 2.66
C LEU A 272 -0.31 -20.50 3.63
N THR A 273 -0.78 -19.36 4.15
CA THR A 273 -1.73 -19.38 5.26
C THR A 273 -3.19 -19.63 4.87
N ARG A 274 -3.82 -20.58 5.57
CA ARG A 274 -5.25 -20.77 5.52
C ARG A 274 -5.81 -20.36 6.86
N VAL A 275 -6.89 -19.60 6.86
CA VAL A 275 -7.55 -19.18 8.09
C VAL A 275 -8.89 -19.91 8.24
N ALA A 276 -9.03 -20.63 9.34
CA ALA A 276 -10.20 -21.48 9.58
C ALA A 276 -11.42 -20.63 10.01
N THR A 277 -12.52 -21.30 10.34
CA THR A 277 -13.74 -20.64 10.82
C THR A 277 -13.48 -19.96 12.17
N ASP A 278 -12.86 -20.71 13.07
CA ASP A 278 -12.49 -20.23 14.41
C ASP A 278 -11.18 -19.40 14.42
N GLY A 279 -10.71 -18.98 13.24
CA GLY A 279 -9.54 -18.09 13.15
C GLY A 279 -8.20 -18.75 13.38
N THR A 280 -8.20 -20.05 13.68
CA THR A 280 -6.95 -20.82 13.80
C THR A 280 -6.34 -20.90 12.40
N GLU A 281 -5.02 -20.82 12.34
CA GLU A 281 -4.33 -20.75 11.08
C GLU A 281 -3.44 -21.97 10.89
N THR A 282 -3.37 -22.43 9.65
CA THR A 282 -2.49 -23.53 9.26
C THR A 282 -1.74 -23.15 8.00
N LEU A 283 -0.54 -23.68 7.84
CA LEU A 283 0.24 -23.49 6.63
C LEU A 283 0.17 -24.72 5.75
N ASP A 284 -0.08 -24.51 4.45
CA ASP A 284 0.19 -25.54 3.46
C ASP A 284 1.70 -25.80 3.46
N GLU A 285 2.09 -26.97 2.97
CA GLU A 285 3.50 -27.36 2.94
C GLU A 285 4.23 -26.74 1.77
N ASP A 286 3.49 -26.34 0.74
CA ASP A 286 4.07 -25.48 -0.29
C ASP A 286 3.03 -24.55 -0.92
N HIS A 287 3.52 -23.59 -1.68
CA HIS A 287 2.73 -22.45 -2.14
C HIS A 287 1.78 -22.72 -3.32
N HIS A 288 1.96 -23.81 -4.06
CA HIS A 288 1.23 -24.00 -5.33
C HIS A 288 -0.28 -24.08 -5.19
N ALA A 289 -0.77 -24.82 -4.19
CA ALA A 289 -2.21 -25.01 -4.03
C ALA A 289 -2.94 -23.68 -3.78
N LEU A 290 -2.44 -22.85 -2.88
CA LEU A 290 -3.08 -21.54 -2.65
C LEU A 290 -2.90 -20.56 -3.81
N ASN A 291 -1.85 -20.77 -4.61
CA ASN A 291 -1.67 -20.06 -5.89
C ASN A 291 -1.49 -18.54 -5.76
N ARG A 292 -0.85 -18.11 -4.67
CA ARG A 292 -0.58 -16.69 -4.42
C ARG A 292 0.85 -16.30 -4.75
N TRP A 293 1.78 -17.15 -4.35
CA TRP A 293 3.21 -16.88 -4.46
C TRP A 293 3.62 -16.90 -5.93
N PRO A 294 4.50 -15.98 -6.37
CA PRO A 294 5.15 -14.88 -5.66
C PRO A 294 4.29 -13.61 -5.67
N ALA A 295 4.64 -12.64 -4.82
CA ALA A 295 3.92 -11.36 -4.78
C ALA A 295 3.96 -10.70 -6.16
N ASP A 296 2.82 -10.16 -6.57
CA ASP A 296 2.77 -9.27 -7.71
C ASP A 296 3.41 -7.93 -7.34
N VAL A 297 3.10 -7.45 -6.14
CA VAL A 297 3.64 -6.19 -5.62
C VAL A 297 3.94 -6.28 -4.12
N HIS A 298 5.19 -6.01 -3.74
CA HIS A 298 5.57 -5.71 -2.37
C HIS A 298 5.64 -4.19 -2.29
N VAL A 299 4.82 -3.57 -1.43
CA VAL A 299 4.93 -2.11 -1.22
C VAL A 299 5.80 -1.82 0.00
N VAL A 300 6.80 -0.95 -0.15
CA VAL A 300 7.68 -0.56 0.94
C VAL A 300 8.09 0.91 0.84
N GLY A 301 8.56 1.46 1.95
CA GLY A 301 9.13 2.78 1.97
C GLY A 301 10.58 2.61 1.60
N LYS A 302 11.16 3.68 1.08
CA LYS A 302 12.55 3.66 0.67
C LYS A 302 13.55 3.40 1.79
N ASP A 303 13.11 3.67 3.02
CA ASP A 303 13.86 3.32 4.22
C ASP A 303 14.26 1.84 4.29
N ILE A 304 13.48 0.96 3.66
CA ILE A 304 13.76 -0.47 3.71
C ILE A 304 13.99 -1.11 2.34
N LEU A 305 14.58 -0.32 1.44
CA LEU A 305 14.84 -0.77 0.09
C LEU A 305 15.87 -1.90 0.05
N LYS A 306 16.98 -1.78 0.79
CA LYS A 306 18.07 -2.76 0.67
C LYS A 306 17.62 -4.13 1.14
N PHE A 307 16.79 -4.13 2.19
CA PHE A 307 16.26 -5.37 2.77
C PHE A 307 15.45 -6.14 1.72
N HIS A 308 14.57 -5.42 1.03
CA HIS A 308 13.64 -6.02 0.05
C HIS A 308 14.21 -6.22 -1.36
N ALA A 309 15.20 -5.42 -1.73
CA ALA A 309 15.80 -5.48 -3.08
C ALA A 309 17.11 -6.27 -3.15
N ILE A 310 17.78 -6.46 -2.02
CA ILE A 310 19.07 -7.15 -2.01
C ILE A 310 18.95 -8.40 -1.14
N TYR A 311 18.60 -8.25 0.14
CA TYR A 311 18.61 -9.40 1.04
C TYR A 311 17.51 -10.41 0.66
N TRP A 312 16.30 -9.91 0.43
CA TRP A 312 15.12 -10.74 0.18
C TRP A 312 15.29 -11.66 -1.03
N PRO A 313 15.61 -11.10 -2.21
CA PRO A 313 15.81 -12.00 -3.36
C PRO A 313 16.95 -12.99 -3.15
N ALA A 314 18.02 -12.60 -2.47
CA ALA A 314 19.11 -13.56 -2.15
C ALA A 314 18.58 -14.68 -1.24
N PHE A 315 17.84 -14.35 -0.18
CA PHE A 315 17.23 -15.40 0.67
C PHE A 315 16.36 -16.34 -0.16
N LEU A 316 15.55 -15.77 -1.05
CA LEU A 316 14.65 -16.55 -1.88
C LEU A 316 15.40 -17.46 -2.86
N MET A 317 16.48 -16.95 -3.45
CA MET A 317 17.36 -17.78 -4.28
C MET A 317 17.92 -18.98 -3.52
N SER A 318 18.50 -18.74 -2.34
CA SER A 318 18.99 -19.82 -1.46
C SER A 318 17.87 -20.86 -1.19
N ALA A 319 16.69 -20.36 -0.83
CA ALA A 319 15.54 -21.21 -0.50
C ALA A 319 14.87 -21.85 -1.72
N GLU A 320 15.31 -21.48 -2.93
CA GLU A 320 14.77 -21.98 -4.18
C GLU A 320 13.28 -21.69 -4.37
N LEU A 321 12.89 -20.46 -4.05
CA LEU A 321 11.53 -19.98 -4.24
C LEU A 321 11.51 -18.95 -5.36
N PRO A 322 10.39 -18.87 -6.09
CA PRO A 322 10.25 -17.82 -7.09
C PRO A 322 10.37 -16.41 -6.49
N LEU A 323 10.98 -15.52 -7.24
CA LEU A 323 11.23 -14.16 -6.81
C LEU A 323 9.99 -13.28 -7.07
N PRO A 324 9.86 -12.18 -6.32
CA PRO A 324 8.76 -11.24 -6.52
C PRO A 324 8.73 -10.68 -7.93
N GLU A 325 7.53 -10.37 -8.41
CA GLU A 325 7.36 -9.72 -9.71
C GLU A 325 7.85 -8.29 -9.59
N ARG A 326 7.40 -7.61 -8.53
CA ARG A 326 7.63 -6.18 -8.43
C ARG A 326 7.69 -5.64 -7.01
N LEU A 327 8.73 -4.85 -6.75
CA LEU A 327 8.87 -4.11 -5.52
C LEU A 327 8.55 -2.66 -5.80
N VAL A 328 7.56 -2.11 -5.11
CA VAL A 328 7.31 -0.67 -5.16
C VAL A 328 7.83 -0.02 -3.89
N SER A 329 8.82 0.86 -4.05
CA SER A 329 9.50 1.53 -2.96
C SER A 329 9.30 3.04 -3.08
N HIS A 330 8.48 3.58 -2.18
CA HIS A 330 8.03 4.97 -2.21
C HIS A 330 8.73 5.86 -1.20
N GLY A 331 8.41 7.15 -1.27
CA GLY A 331 9.06 8.18 -0.47
C GLY A 331 8.35 8.39 0.85
N TRP A 332 8.68 9.49 1.50
CA TRP A 332 8.18 9.76 2.84
C TRP A 332 7.28 10.98 2.91
N TRP A 333 6.22 10.83 3.68
CA TRP A 333 5.46 11.95 4.17
C TRP A 333 6.24 12.58 5.32
N THR A 334 6.45 13.89 5.23
CA THR A 334 7.33 14.60 6.13
C THR A 334 6.59 15.64 6.95
N LYS A 335 7.25 16.14 7.98
CA LYS A 335 6.80 17.30 8.73
C LYS A 335 7.99 18.19 8.98
N ASP A 336 7.90 19.43 8.53
CA ASP A 336 9.06 20.33 8.49
C ASP A 336 10.24 19.64 7.80
N HIS A 337 9.93 18.97 6.69
CA HIS A 337 10.90 18.26 5.84
C HIS A 337 11.64 17.12 6.54
N LYS A 338 11.07 16.61 7.63
CA LYS A 338 11.63 15.44 8.30
C LYS A 338 10.61 14.31 8.26
N LYS A 339 11.09 13.13 7.90
CA LYS A 339 10.26 11.93 7.85
C LYS A 339 9.41 11.82 9.13
N ILE A 340 8.09 11.70 8.95
CA ILE A 340 7.20 11.38 10.05
C ILE A 340 7.60 9.98 10.49
N SER A 341 7.95 9.85 11.77
CA SER A 341 8.66 8.68 12.28
C SER A 341 8.24 8.37 13.71
N LYS A 342 7.98 7.10 13.99
CA LYS A 342 7.67 6.65 15.36
C LYS A 342 8.81 7.02 16.31
N SER A 343 10.06 6.84 15.86
CA SER A 343 11.24 7.10 16.70
C SER A 343 11.49 8.58 16.97
N LEU A 344 10.86 9.47 16.20
CA LEU A 344 11.03 10.92 16.42
C LEU A 344 9.85 11.57 17.17
N GLY A 345 8.71 10.90 17.25
CA GLY A 345 7.53 11.44 17.94
C GLY A 345 6.90 12.66 17.26
N ASN A 346 7.05 12.76 15.93
CA ASN A 346 6.55 13.90 15.15
C ASN A 346 5.31 13.50 14.33
N ALA A 347 4.52 12.59 14.88
CA ALA A 347 3.43 11.96 14.15
C ALA A 347 2.10 12.43 14.73
N PHE A 348 1.17 12.81 13.87
CA PHE A 348 -0.22 13.04 14.30
C PHE A 348 -0.99 11.72 14.23
N ASP A 349 -2.07 11.63 14.99
CA ASP A 349 -2.99 10.48 14.97
C ASP A 349 -3.69 10.46 13.62
N PRO A 350 -3.46 9.41 12.81
CA PRO A 350 -3.96 9.43 11.43
C PRO A 350 -5.47 9.19 11.32
N VAL A 351 -6.04 8.43 12.23
CA VAL A 351 -7.49 8.19 12.25
C VAL A 351 -8.27 9.44 12.69
N GLU A 352 -7.78 10.14 13.70
CA GLU A 352 -8.38 11.41 14.11
CA GLU A 352 -8.36 11.42 14.11
C GLU A 352 -8.35 12.39 12.95
N LYS A 353 -7.24 12.42 12.20
CA LYS A 353 -7.14 13.25 11.00
C LYS A 353 -8.17 12.84 9.96
N ALA A 354 -8.28 11.53 9.71
CA ALA A 354 -9.26 11.01 8.76
C ALA A 354 -10.67 11.42 9.15
N LYS A 355 -10.97 11.40 10.46
CA LYS A 355 -12.29 11.78 10.95
C LYS A 355 -12.55 13.30 10.91
N GLU A 356 -11.53 14.10 11.18
CA GLU A 356 -11.60 15.57 11.03
C GLU A 356 -12.03 15.94 9.61
N PHE A 357 -11.36 15.37 8.61
CA PHE A 357 -11.49 15.82 7.22
C PHE A 357 -12.28 14.90 6.28
N GLY A 358 -12.61 13.68 6.74
CA GLY A 358 -13.29 12.68 5.91
C GLY A 358 -12.31 11.59 5.47
N ILE A 359 -12.68 10.33 5.71
CA ILE A 359 -11.80 9.19 5.45
C ILE A 359 -11.44 9.06 3.98
N ASP A 360 -12.44 9.04 3.11
CA ASP A 360 -12.20 8.89 1.68
C ASP A 360 -11.51 10.13 1.10
N ALA A 361 -11.80 11.31 1.65
CA ALA A 361 -11.11 12.52 1.25
C ALA A 361 -9.61 12.44 1.56
N LEU A 362 -9.27 11.90 2.73
CA LEU A 362 -7.87 11.66 3.11
C LEU A 362 -7.23 10.65 2.18
N LYS A 363 -7.94 9.55 1.91
CA LYS A 363 -7.42 8.53 1.01
C LYS A 363 -7.13 9.11 -0.38
N TYR A 364 -8.06 9.90 -0.90
CA TYR A 364 -7.85 10.56 -2.22
C TYR A 364 -6.61 11.45 -2.17
N PHE A 365 -6.52 12.28 -1.13
CA PHE A 365 -5.38 13.19 -1.01
C PHE A 365 -4.04 12.43 -0.98
N LEU A 366 -3.91 11.43 -0.11
CA LEU A 366 -2.68 10.63 -0.05
C LEU A 366 -2.29 10.04 -1.41
N MET A 367 -3.28 9.51 -2.14
CA MET A 367 -3.01 8.86 -3.43
C MET A 367 -2.80 9.85 -4.57
N ARG A 368 -3.47 11.00 -4.52
CA ARG A 368 -3.38 11.99 -5.59
C ARG A 368 -2.21 12.95 -5.46
N GLU A 369 -1.98 13.44 -4.24
CA GLU A 369 -0.94 14.46 -4.02
C GLU A 369 0.45 13.90 -4.23
N SER A 370 0.62 12.61 -3.95
CA SER A 370 1.95 11.97 -3.86
C SER A 370 2.30 11.14 -5.08
N ASN A 371 3.51 11.29 -5.61
CA ASN A 371 4.10 10.24 -6.44
C ASN A 371 5.12 9.45 -5.62
N PHE A 372 5.47 8.26 -6.10
CA PHE A 372 6.32 7.35 -5.32
C PHE A 372 7.80 7.74 -5.32
N GLN A 373 8.18 8.74 -6.11
CA GLN A 373 9.55 9.21 -6.21
C GLN A 373 9.88 10.25 -5.13
N ASP A 374 8.90 11.09 -4.81
CA ASP A 374 9.14 12.30 -4.04
C ASP A 374 8.67 12.22 -2.58
N ASP A 375 9.45 12.84 -1.71
CA ASP A 375 9.03 13.15 -0.34
C ASP A 375 8.22 14.45 -0.38
N GLY A 376 7.32 14.62 0.58
CA GLY A 376 6.57 15.88 0.74
C GLY A 376 5.87 15.96 2.09
N ASP A 377 5.73 17.18 2.62
CA ASP A 377 5.06 17.41 3.90
C ASP A 377 3.58 17.12 3.78
N TYR A 378 3.02 16.42 4.78
CA TYR A 378 1.56 16.36 4.89
C TYR A 378 1.03 17.77 5.19
N SER A 379 0.03 18.20 4.43
CA SER A 379 -0.50 19.55 4.58
C SER A 379 -2.02 19.54 4.64
N ASP A 380 -2.60 20.07 5.72
CA ASP A 380 -4.06 20.24 5.81
C ASP A 380 -4.57 21.15 4.67
N LYS A 381 -3.84 22.23 4.40
CA LYS A 381 -4.19 23.19 3.34
C LYS A 381 -4.26 22.52 1.96
N ASN A 382 -3.26 21.72 1.61
CA ASN A 382 -3.26 21.02 0.34
C ASN A 382 -4.34 19.95 0.26
N MET A 383 -4.62 19.31 1.40
CA MET A 383 -5.67 18.29 1.45
C MET A 383 -7.08 18.85 1.26
N VAL A 384 -7.34 19.98 1.90
CA VAL A 384 -8.62 20.66 1.79
C VAL A 384 -8.83 21.25 0.39
N ALA A 385 -7.76 21.78 -0.21
CA ALA A 385 -7.82 22.31 -1.58
C ALA A 385 -8.26 21.25 -2.59
N ARG A 386 -7.77 20.02 -2.44
CA ARG A 386 -8.21 18.92 -3.29
C ARG A 386 -9.63 18.46 -2.95
N LEU A 387 -9.97 18.40 -1.67
CA LEU A 387 -11.33 18.06 -1.26
C LEU A 387 -12.33 19.08 -1.86
N ASN A 388 -12.07 20.36 -1.66
CA ASN A 388 -12.96 21.43 -2.16
C ASN A 388 -12.96 21.55 -3.69
N GLY A 389 -11.77 21.63 -4.28
CA GLY A 389 -11.60 21.86 -5.71
C GLY A 389 -11.85 20.66 -6.62
N GLU A 390 -11.53 19.45 -6.17
CA GLU A 390 -11.75 18.26 -7.02
C GLU A 390 -12.92 17.40 -6.54
N LEU A 391 -12.93 17.05 -5.27
CA LEU A 391 -13.92 16.10 -4.79
C LEU A 391 -15.31 16.73 -4.73
N ALA A 392 -15.42 17.97 -4.24
CA ALA A 392 -16.72 18.64 -4.15
C ALA A 392 -17.09 19.34 -5.45
N ASP A 393 -16.19 20.17 -5.95
CA ASP A 393 -16.46 21.01 -7.13
C ASP A 393 -16.55 20.25 -8.45
N THR A 394 -15.89 19.09 -8.56
CA THR A 394 -15.98 18.27 -9.78
C THR A 394 -16.85 17.01 -9.59
N LEU A 395 -16.37 16.07 -8.78
CA LEU A 395 -17.09 14.81 -8.61
C LEU A 395 -18.46 15.02 -7.96
N GLY A 396 -18.49 15.67 -6.80
CA GLY A 396 -19.73 15.88 -6.05
C GLY A 396 -20.74 16.68 -6.84
N ASN A 397 -20.28 17.77 -7.43
CA ASN A 397 -21.09 18.59 -8.32
C ASN A 397 -21.71 17.76 -9.44
N LEU A 398 -20.90 16.90 -10.05
CA LEU A 398 -21.38 16.12 -11.18
C LEU A 398 -22.51 15.19 -10.75
N VAL A 399 -22.39 14.60 -9.56
CA VAL A 399 -23.38 13.66 -9.04
C VAL A 399 -24.70 14.39 -8.78
N SER A 400 -24.65 15.54 -8.11
CA SER A 400 -25.85 16.36 -7.87
C SER A 400 -26.57 16.72 -9.16
N ARG A 401 -25.80 17.10 -10.17
CA ARG A 401 -26.34 17.46 -11.47
C ARG A 401 -27.12 16.29 -12.08
N CYS A 402 -26.52 15.11 -12.11
CA CYS A 402 -27.18 13.95 -12.71
C CYS A 402 -28.45 13.48 -11.98
N VAL A 403 -28.58 13.78 -10.69
CA VAL A 403 -29.70 13.27 -9.87
C VAL A 403 -30.68 14.37 -9.44
N ALA A 404 -30.40 15.63 -9.76
CA ALA A 404 -31.29 16.74 -9.40
C ALA A 404 -32.74 16.47 -9.87
N PRO A 405 -33.72 16.55 -8.94
CA PRO A 405 -35.14 16.38 -9.34
C PRO A 405 -35.60 17.31 -10.46
N LYS A 406 -35.01 18.51 -10.52
CA LYS A 406 -35.35 19.51 -11.55
C LYS A 406 -34.57 19.35 -12.85
N ILE A 407 -33.66 18.37 -12.92
CA ILE A 407 -32.95 18.03 -14.15
C ILE A 407 -33.34 16.62 -14.59
N ASN A 408 -33.07 15.64 -13.73
CA ASN A 408 -33.58 14.26 -13.89
C ASN A 408 -35.01 14.17 -13.34
N VAL A 409 -35.96 14.70 -14.10
CA VAL A 409 -37.34 14.86 -13.64
C VAL A 409 -37.98 13.53 -13.24
N ASN A 410 -37.66 12.46 -13.97
CA ASN A 410 -38.25 11.14 -13.69
C ASN A 410 -37.40 10.22 -12.81
N GLY A 411 -36.22 10.70 -12.40
CA GLY A 411 -35.37 9.95 -11.50
C GLY A 411 -35.02 8.59 -12.07
N MET A 412 -34.51 8.59 -13.30
CA MET A 412 -34.08 7.36 -13.97
C MET A 412 -33.01 7.65 -15.01
N TRP A 413 -32.44 6.57 -15.55
CA TRP A 413 -31.51 6.68 -16.68
C TRP A 413 -32.34 6.78 -17.96
N PRO A 414 -32.30 7.94 -18.64
CA PRO A 414 -33.13 8.07 -19.82
C PRO A 414 -32.58 7.33 -21.03
N GLU A 415 -33.44 7.13 -22.02
CA GLU A 415 -33.01 6.59 -23.31
C GLU A 415 -32.34 7.73 -24.10
N PRO A 416 -31.15 7.46 -24.67
CA PRO A 416 -30.51 8.47 -25.51
C PRO A 416 -31.14 8.53 -26.91
N ALA A 417 -31.13 9.72 -27.52
CA ALA A 417 -31.53 9.90 -28.91
C ALA A 417 -30.25 9.93 -29.75
N GLU A 418 -30.26 10.62 -30.90
CA GLU A 418 -29.06 10.63 -31.76
C GLU A 418 -27.89 11.35 -31.12
N TYR A 419 -26.67 10.81 -31.32
CA TYR A 419 -25.45 11.41 -30.79
C TYR A 419 -24.86 12.46 -31.75
N SER A 420 -24.50 13.62 -31.22
CA SER A 420 -23.77 14.64 -31.96
C SER A 420 -22.28 14.32 -31.99
N GLU A 421 -21.52 15.09 -32.76
CA GLU A 421 -20.07 14.91 -32.80
C GLU A 421 -19.45 15.19 -31.44
N SER A 422 -19.99 16.18 -30.73
CA SER A 422 -19.54 16.51 -29.39
C SER A 422 -19.80 15.34 -28.43
N ASP A 423 -21.00 14.76 -28.50
CA ASP A 423 -21.32 13.55 -27.75
C ASP A 423 -20.28 12.46 -28.01
N LYS A 424 -20.02 12.18 -29.29
CA LYS A 424 -19.14 11.09 -29.70
C LYS A 424 -17.71 11.28 -29.21
N THR A 425 -17.26 12.54 -29.18
CA THR A 425 -15.93 12.88 -28.67
C THR A 425 -15.82 12.52 -27.20
N LEU A 426 -16.85 12.91 -26.44
CA LEU A 426 -16.91 12.58 -25.01
C LEU A 426 -16.95 11.06 -24.81
N ILE A 427 -17.83 10.37 -25.54
CA ILE A 427 -17.96 8.90 -25.48
C ILE A 427 -16.60 8.23 -25.80
N ALA A 428 -15.87 8.75 -26.78
CA ALA A 428 -14.52 8.25 -27.07
C ALA A 428 -13.59 8.33 -25.83
N SER A 429 -13.65 9.44 -25.08
CA SER A 429 -12.84 9.60 -23.87
CA SER A 429 -12.82 9.58 -23.90
C SER A 429 -13.28 8.58 -22.83
N LEU A 430 -14.58 8.30 -22.79
CA LEU A 430 -15.09 7.31 -21.85
C LEU A 430 -14.53 5.93 -22.15
N ASN A 431 -14.57 5.52 -23.42
CA ASN A 431 -14.10 4.19 -23.81
C ASN A 431 -12.60 4.02 -23.65
N ASN A 432 -11.87 5.11 -23.88
CA ASN A 432 -10.42 5.11 -23.73
C ASN A 432 -9.91 5.15 -22.28
N LEU A 433 -10.76 5.54 -21.32
CA LEU A 433 -10.37 5.67 -19.92
C LEU A 433 -9.88 4.35 -19.30
N ALA A 434 -10.64 3.28 -19.53
CA ALA A 434 -10.32 1.98 -18.96
C ALA A 434 -8.91 1.52 -19.32
N GLY A 435 -8.53 1.67 -20.57
CA GLY A 435 -7.18 1.31 -20.98
C GLY A 435 -6.13 2.04 -20.18
N THR A 436 -6.29 3.36 -20.09
CA THR A 436 -5.38 4.23 -19.37
C THR A 436 -5.31 3.91 -17.88
N VAL A 437 -6.48 3.77 -17.25
CA VAL A 437 -6.59 3.52 -15.82
C VAL A 437 -6.09 2.12 -15.44
N ASP A 438 -6.52 1.10 -16.19
CA ASP A 438 -6.01 -0.26 -15.97
C ASP A 438 -4.49 -0.32 -16.10
N HIS A 439 -3.95 0.32 -17.14
CA HIS A 439 -2.50 0.37 -17.31
C HIS A 439 -1.80 1.03 -16.10
N TYR A 440 -2.30 2.18 -15.67
CA TYR A 440 -1.69 2.85 -14.51
C TYR A 440 -1.87 2.03 -13.21
N TYR A 441 -3.06 1.50 -12.94
CA TYR A 441 -3.27 0.66 -11.74
C TYR A 441 -2.29 -0.54 -11.70
N CYS A 442 -1.97 -1.11 -12.86
CA CYS A 442 -1.01 -2.22 -12.96
C CYS A 442 0.50 -1.83 -12.95
N LEU A 443 0.86 -0.57 -13.21
CA LEU A 443 2.29 -0.19 -13.23
C LEU A 443 3.04 -0.53 -11.89
N PRO A 444 2.52 -0.07 -10.74
CA PRO A 444 1.37 0.77 -10.45
C PRO A 444 1.75 2.24 -10.34
N ASP A 445 0.83 3.10 -10.76
CA ASP A 445 0.97 4.53 -10.65
C ASP A 445 -0.43 5.01 -10.34
N ILE A 446 -0.75 5.09 -9.06
CA ILE A 446 -2.10 5.42 -8.62
C ILE A 446 -2.39 6.91 -8.80
N GLN A 447 -1.37 7.75 -8.65
CA GLN A 447 -1.54 9.18 -8.87
C GLN A 447 -2.06 9.44 -10.29
N HIS A 448 -1.44 8.82 -11.30
CA HIS A 448 -1.82 9.07 -12.68
C HIS A 448 -3.13 8.42 -13.07
N ALA A 449 -3.46 7.32 -12.43
CA ALA A 449 -4.81 6.76 -12.59
C ALA A 449 -5.84 7.83 -12.17
N LEU A 450 -5.63 8.44 -11.01
CA LEU A 450 -6.57 9.45 -10.51
C LEU A 450 -6.60 10.70 -11.38
N ILE A 451 -5.43 11.18 -11.85
CA ILE A 451 -5.41 12.32 -12.75
C ILE A 451 -6.24 12.09 -14.01
N ALA A 452 -6.08 10.90 -14.62
CA ALA A 452 -6.86 10.52 -15.80
C ALA A 452 -8.35 10.45 -15.50
N ILE A 453 -8.71 9.85 -14.38
CA ILE A 453 -10.13 9.76 -14.02
C ILE A 453 -10.72 11.16 -13.88
N PHE A 454 -9.99 12.06 -13.20
CA PHE A 454 -10.46 13.42 -13.01
C PHE A 454 -10.43 14.31 -14.24
N ASP A 455 -9.47 14.10 -15.14
CA ASP A 455 -9.53 14.68 -16.49
C ASP A 455 -10.90 14.41 -17.15
N VAL A 456 -11.34 13.15 -17.12
CA VAL A 456 -12.63 12.77 -17.69
C VAL A 456 -13.79 13.38 -16.90
N LEU A 457 -13.69 13.42 -15.57
CA LEU A 457 -14.74 14.03 -14.75
C LEU A 457 -14.87 15.52 -15.05
N ARG A 458 -13.76 16.23 -15.23
CA ARG A 458 -13.82 17.63 -15.62
C ARG A 458 -14.48 17.83 -17.00
N SER A 459 -14.24 16.91 -17.93
CA SER A 459 -14.92 16.93 -19.22
C SER A 459 -16.43 16.67 -19.06
N LEU A 460 -16.81 15.70 -18.24
CA LEU A 460 -18.22 15.41 -18.03
C LEU A 460 -18.95 16.65 -17.51
N ASN A 461 -18.38 17.31 -16.51
CA ASN A 461 -18.92 18.58 -16.03
C ASN A 461 -18.99 19.72 -17.05
N ALA A 462 -17.94 19.87 -17.87
CA ALA A 462 -17.94 20.87 -18.94
C ALA A 462 -19.01 20.51 -19.98
N TYR A 463 -19.13 19.21 -20.27
CA TYR A 463 -20.21 18.73 -21.15
C TYR A 463 -21.60 19.07 -20.60
N VAL A 464 -21.84 18.81 -19.32
CA VAL A 464 -23.16 19.09 -18.72
C VAL A 464 -23.48 20.60 -18.76
N THR A 465 -22.49 21.44 -18.47
CA THR A 465 -22.68 22.89 -18.52
C THR A 465 -22.98 23.38 -19.94
N GLU A 466 -22.18 22.94 -20.90
CA GLU A 466 -22.35 23.30 -22.31
C GLU A 466 -23.76 22.94 -22.84
N ASN A 467 -24.28 21.79 -22.40
CA ASN A 467 -25.60 21.35 -22.84
C ASN A 467 -26.76 21.91 -22.01
N ALA A 468 -26.46 22.65 -20.93
CA ALA A 468 -27.46 23.32 -20.07
C ALA A 468 -28.77 22.53 -19.93
N PRO A 469 -28.72 21.34 -19.31
CA PRO A 469 -29.87 20.43 -19.22
C PRO A 469 -31.09 21.00 -18.50
N TRP A 470 -30.85 21.88 -17.54
CA TRP A 470 -31.93 22.61 -16.87
C TRP A 470 -32.78 23.42 -17.87
N LYS A 471 -32.18 23.83 -18.99
CA LYS A 471 -32.92 24.52 -20.06
C LYS A 471 -33.64 23.53 -20.99
N LEU A 472 -33.04 22.37 -21.22
CA LEU A 472 -33.66 21.32 -22.04
C LEU A 472 -34.94 20.73 -21.40
N VAL A 473 -35.06 20.79 -20.08
CA VAL A 473 -36.18 20.20 -19.36
C VAL A 473 -37.51 20.76 -19.86
N LYS A 474 -38.43 19.86 -20.20
CA LYS A 474 -39.75 20.25 -20.73
C LYS A 474 -39.71 21.10 -22.03
N MET A 475 -38.54 21.19 -22.66
CA MET A 475 -38.31 21.94 -23.90
C MET A 475 -37.83 21.01 -25.03
N ASP A 476 -36.82 20.19 -24.75
CA ASP A 476 -36.35 19.17 -25.68
C ASP A 476 -36.00 17.90 -24.89
N THR A 477 -37.01 17.08 -24.65
CA THR A 477 -36.92 15.84 -23.87
C THR A 477 -35.93 14.86 -24.52
N ALA A 478 -36.07 14.68 -25.83
CA ALA A 478 -35.15 13.85 -26.62
C ALA A 478 -33.72 14.21 -26.30
N ARG A 479 -33.37 15.48 -26.45
CA ARG A 479 -31.99 15.90 -26.26
C ARG A 479 -31.55 15.74 -24.80
N LEU A 480 -32.39 16.13 -23.85
CA LEU A 480 -32.05 15.98 -22.42
C LEU A 480 -31.73 14.51 -22.12
N GLY A 481 -32.46 13.61 -22.78
CA GLY A 481 -32.26 12.18 -22.59
C GLY A 481 -30.86 11.75 -22.97
N THR A 482 -30.37 12.23 -24.11
CA THR A 482 -29.04 11.90 -24.58
C THR A 482 -27.99 12.46 -23.63
N VAL A 483 -28.19 13.69 -23.20
CA VAL A 483 -27.21 14.39 -22.36
C VAL A 483 -27.06 13.73 -20.99
N LEU A 484 -28.18 13.42 -20.34
CA LEU A 484 -28.14 12.70 -19.06
C LEU A 484 -27.59 11.28 -19.21
N TYR A 485 -27.99 10.56 -20.26
CA TYR A 485 -27.53 9.17 -20.41
C TYR A 485 -26.00 9.15 -20.54
N VAL A 486 -25.47 9.98 -21.43
CA VAL A 486 -24.02 10.08 -21.59
C VAL A 486 -23.33 10.48 -20.28
N THR A 487 -23.89 11.46 -19.57
CA THR A 487 -23.24 11.94 -18.37
C THR A 487 -23.28 10.88 -17.28
N MET A 488 -24.43 10.24 -17.09
CA MET A 488 -24.57 9.21 -16.09
C MET A 488 -23.65 8.02 -16.35
N GLU A 489 -23.50 7.63 -17.62
CA GLU A 489 -22.57 6.56 -17.96
C GLU A 489 -21.14 6.95 -17.67
N GLY A 490 -20.77 8.18 -18.03
CA GLY A 490 -19.44 8.69 -17.77
C GLY A 490 -19.19 8.70 -16.27
N LEU A 491 -20.16 9.22 -15.51
CA LEU A 491 -20.05 9.21 -14.06
C LEU A 491 -19.90 7.78 -13.54
N ARG A 492 -20.69 6.84 -14.05
CA ARG A 492 -20.56 5.42 -13.64
C ARG A 492 -19.14 4.89 -13.87
N ILE A 493 -18.61 5.09 -15.07
CA ILE A 493 -17.29 4.56 -15.41
C ILE A 493 -16.18 5.14 -14.52
N CYS A 494 -16.23 6.46 -14.32
CA CYS A 494 -15.23 7.11 -13.46
C CYS A 494 -15.37 6.62 -12.03
N THR A 495 -16.59 6.53 -11.52
CA THR A 495 -16.80 6.07 -10.15
C THR A 495 -16.31 4.64 -9.95
N MET A 496 -16.60 3.77 -10.91
CA MET A 496 -16.16 2.37 -10.87
C MET A 496 -14.65 2.31 -10.59
N PHE A 497 -13.87 3.14 -11.28
CA PHE A 497 -12.42 3.15 -11.15
C PHE A 497 -11.91 3.92 -9.92
N LEU A 498 -12.83 4.59 -9.22
CA LEU A 498 -12.52 5.27 -7.96
C LEU A 498 -12.87 4.41 -6.75
N GLN A 499 -13.59 3.32 -6.95
CA GLN A 499 -13.95 2.42 -5.85
C GLN A 499 -12.75 1.95 -5.04
N PRO A 500 -11.58 1.75 -5.69
CA PRO A 500 -10.42 1.31 -4.91
C PRO A 500 -9.87 2.37 -3.95
N VAL A 501 -9.89 3.63 -4.37
CA VAL A 501 -9.40 4.74 -3.57
C VAL A 501 -10.43 5.30 -2.60
N MET A 502 -11.70 5.38 -3.00
CA MET A 502 -12.74 5.92 -2.13
C MET A 502 -13.91 4.96 -2.16
N PRO A 503 -13.75 3.80 -1.51
CA PRO A 503 -14.79 2.75 -1.59
C PRO A 503 -16.12 3.16 -0.98
N GLN A 504 -16.11 3.95 0.07
CA GLN A 504 -17.36 4.35 0.71
C GLN A 504 -18.12 5.39 -0.13
N LYS A 505 -17.44 6.47 -0.51
CA LYS A 505 -18.05 7.50 -1.34
C LYS A 505 -18.41 6.97 -2.72
N ALA A 506 -17.55 6.13 -3.31
CA ALA A 506 -17.91 5.49 -4.58
C ALA A 506 -19.20 4.67 -4.47
N LYS A 507 -19.36 3.92 -3.38
CA LYS A 507 -20.64 3.18 -3.15
C LYS A 507 -21.83 4.10 -2.96
N GLU A 508 -21.60 5.27 -2.35
CA GLU A 508 -22.70 6.22 -2.12
C GLU A 508 -23.15 6.76 -3.47
N ILE A 509 -22.17 7.02 -4.35
CA ILE A 509 -22.45 7.52 -5.69
C ILE A 509 -23.16 6.45 -6.53
N MET A 510 -22.58 5.25 -6.61
CA MET A 510 -23.22 4.13 -7.30
C MET A 510 -24.64 3.92 -6.79
N ASP A 511 -24.85 4.03 -5.48
CA ASP A 511 -26.19 3.87 -4.90
C ASP A 511 -27.13 5.01 -5.31
N ALA A 512 -26.61 6.24 -5.31
CA ALA A 512 -27.38 7.40 -5.75
C ALA A 512 -27.89 7.18 -7.18
N LEU A 513 -27.03 6.65 -8.04
CA LEU A 513 -27.38 6.42 -9.46
C LEU A 513 -28.27 5.20 -9.73
N GLY A 514 -28.41 4.30 -8.77
CA GLY A 514 -29.20 3.08 -8.98
C GLY A 514 -28.48 2.05 -9.84
N VAL A 515 -27.16 2.15 -9.93
CA VAL A 515 -26.36 1.24 -10.72
C VAL A 515 -26.36 -0.14 -10.07
N PRO A 516 -26.90 -1.16 -10.78
CA PRO A 516 -26.94 -2.52 -10.25
C PRO A 516 -25.58 -2.99 -9.76
N GLU A 517 -25.58 -3.81 -8.71
CA GLU A 517 -24.35 -4.33 -8.13
C GLU A 517 -23.46 -5.01 -9.18
N ALA A 518 -24.07 -5.83 -10.04
CA ALA A 518 -23.35 -6.58 -11.07
C ALA A 518 -22.66 -5.68 -12.10
N ALA A 519 -23.16 -4.45 -12.25
CA ALA A 519 -22.60 -3.45 -13.18
C ALA A 519 -21.51 -2.53 -12.58
N ARG A 520 -21.19 -2.70 -11.30
CA ARG A 520 -20.16 -1.87 -10.63
C ARG A 520 -18.78 -2.50 -10.75
N VAL A 521 -18.74 -3.78 -11.13
CA VAL A 521 -17.50 -4.56 -11.18
C VAL A 521 -17.53 -5.51 -12.38
N GLY A 522 -16.34 -5.89 -12.85
CA GLY A 522 -16.19 -6.77 -14.01
C GLY A 522 -15.74 -5.97 -15.22
N MET A 523 -14.80 -6.51 -15.99
CA MET A 523 -14.29 -5.86 -17.20
C MET A 523 -15.36 -5.69 -18.28
N GLU A 524 -16.40 -6.53 -18.26
CA GLU A 524 -17.52 -6.33 -19.17
C GLU A 524 -18.17 -4.93 -18.99
N ASN A 525 -17.94 -4.29 -17.85
CA ASN A 525 -18.53 -2.97 -17.59
C ASN A 525 -17.58 -1.81 -17.88
N TYR A 526 -16.46 -2.10 -18.55
CA TYR A 526 -15.41 -1.10 -18.83
C TYR A 526 -15.68 -0.17 -20.03
N LEU A 527 -16.83 -0.30 -20.66
CA LEU A 527 -17.16 0.49 -21.84
C LEU A 527 -18.47 1.27 -21.67
N PHE A 528 -18.65 2.26 -22.54
CA PHE A 528 -19.88 3.08 -22.57
C PHE A 528 -21.09 2.26 -23.01
N GLY A 529 -22.21 2.43 -22.32
CA GLY A 529 -23.49 1.90 -22.78
C GLY A 529 -23.94 0.68 -22.00
N ILE A 530 -23.60 0.62 -20.71
CA ILE A 530 -23.93 -0.53 -19.91
C ILE A 530 -25.34 -0.44 -19.34
N VAL A 531 -25.66 0.63 -18.64
CA VAL A 531 -26.90 0.69 -17.85
C VAL A 531 -28.15 0.84 -18.75
N LYS A 532 -29.17 0.04 -18.47
CA LYS A 532 -30.39 0.02 -19.28
C LYS A 532 -31.19 1.30 -19.01
N PRO A 533 -31.55 2.04 -20.06
CA PRO A 533 -32.47 3.16 -19.86
C PRO A 533 -33.74 2.67 -19.18
N GLY A 534 -34.32 3.48 -18.30
CA GLY A 534 -35.47 3.03 -17.50
C GLY A 534 -35.06 2.63 -16.09
N THR A 535 -33.78 2.31 -15.89
CA THR A 535 -33.28 2.00 -14.55
C THR A 535 -33.52 3.18 -13.60
N LYS A 536 -34.11 2.89 -12.44
CA LYS A 536 -34.46 3.91 -11.44
C LYS A 536 -33.26 4.28 -10.60
N ILE A 537 -33.06 5.59 -10.40
CA ILE A 537 -31.98 6.09 -9.54
C ILE A 537 -32.54 6.25 -8.13
N ALA A 538 -31.72 6.05 -7.10
CA ALA A 538 -32.13 6.35 -5.73
C ALA A 538 -32.11 7.86 -5.53
N GLY A 539 -31.09 8.52 -6.07
CA GLY A 539 -30.95 9.97 -5.97
C GLY A 539 -30.29 10.42 -4.68
N LEU A 540 -30.35 11.73 -4.42
CA LEU A 540 -29.85 12.32 -3.18
C LEU A 540 -30.94 13.14 -2.53
N ALA A 541 -30.89 13.23 -1.19
CA ALA A 541 -31.88 14.00 -0.45
C ALA A 541 -31.60 15.49 -0.54
N GLU A 542 -32.49 16.27 0.05
CA GLU A 542 -32.68 17.68 -0.28
C GLU A 542 -31.43 18.54 -0.11
N GLY A 543 -30.91 18.66 1.11
CA GLY A 543 -29.70 19.43 1.36
C GLY A 543 -28.42 18.62 1.24
N GLN A 544 -28.51 17.43 0.64
CA GLN A 544 -27.50 16.38 0.84
C GLN A 544 -26.43 16.36 -0.25
N VAL A 545 -25.16 16.40 0.17
CA VAL A 545 -24.03 16.37 -0.76
C VAL A 545 -23.11 15.19 -0.47
N VAL A 546 -22.38 14.76 -1.48
CA VAL A 546 -21.45 13.64 -1.37
C VAL A 546 -20.20 14.09 -0.61
N PHE A 547 -19.72 15.29 -0.93
CA PHE A 547 -18.55 15.86 -0.27
C PHE A 547 -18.85 17.24 0.25
N GLN A 548 -18.91 17.35 1.57
CA GLN A 548 -19.04 18.64 2.23
C GLN A 548 -17.71 19.35 2.13
N LYS A 549 -17.74 20.63 1.75
CA LYS A 549 -16.54 21.44 1.64
C LYS A 549 -16.11 21.93 3.02
N VAL A 550 -14.81 22.15 3.18
CA VAL A 550 -14.21 22.55 4.44
C VAL A 550 -13.47 23.88 4.26
N THR A 551 -13.62 24.77 5.22
CA THR A 551 -12.84 26.01 5.26
C THR A 551 -11.90 25.95 6.44
N LEU A 552 -10.61 26.22 6.21
CA LEU A 552 -9.60 26.25 7.30
C LEU A 552 -9.59 27.60 8.03
N PRO A 553 -9.15 27.63 9.30
CA PRO A 553 -9.16 28.88 10.08
C PRO A 553 -8.17 29.93 9.60
O ME8 B . 10.68 -0.89 8.73
N1 ME8 B . 6.11 8.16 4.94
O1 ME8 B . 8.87 -1.32 10.12
P1 ME8 B . 8.55 0.25 10.51
C2 ME8 B . 5.74 7.12 4.22
N2 ME8 B . 9.37 -3.71 10.49
N3 ME8 B . 5.80 5.88 4.70
C4 ME8 B . 6.25 5.63 5.93
C5 ME8 B . 6.65 6.69 6.72
C6 ME8 B . 6.57 7.98 6.19
N6 ME8 B . 6.94 9.03 6.91
N7 ME8 B . 7.06 6.17 7.89
C8 ME8 B . 6.91 4.84 7.83
C9 ME8 B . 9.96 -1.66 9.38
N9 ME8 B . 6.41 4.52 6.64
CA ME8 B . 10.16 -3.15 9.35
CB ME8 B . 9.62 -3.65 8.03
SD ME8 B . 8.98 -5.66 6.26
CE ME8 B . 9.33 -7.40 6.20
CG ME8 B . 9.77 -5.15 7.83
C1' ME8 B . 6.08 3.15 6.16
O1S ME8 B . 7.61 0.11 11.64
C2' ME8 B . 6.93 2.72 4.99
O2' ME8 B . 6.29 1.61 4.37
O2S ME8 B . 9.77 1.08 10.69
C3' ME8 B . 8.18 2.27 5.74
O3' ME8 B . 8.96 1.42 4.95
C4' ME8 B . 7.54 1.44 6.86
O4' ME8 B . 6.33 2.17 7.21
C5' ME8 B . 8.46 1.32 8.11
O5' ME8 B . 7.72 0.77 9.21
P1 POP C . 8.66 4.32 11.46
O1 POP C . 9.67 4.28 10.32
O2 POP C . 8.12 5.72 11.58
O3 POP C . 7.54 3.33 11.24
O POP C . 9.29 3.88 12.88
P2 POP C . 10.77 4.25 13.43
O4 POP C . 11.83 3.58 12.57
O5 POP C . 10.78 3.73 14.85
O6 POP C . 10.97 5.73 13.38
MG MG D . 11.28 2.67 10.42
ZN ZN E . 8.70 -14.94 19.45
C1 EDO F . 13.85 8.29 11.57
O1 EDO F . 13.51 9.29 10.60
C2 EDO F . 13.62 6.92 10.96
O2 EDO F . 12.26 6.53 11.18
C1 EDO G . 5.25 9.11 -1.32
O1 EDO G . 6.40 8.91 -2.16
C2 EDO G . 5.45 10.26 -0.33
O2 EDO G . 5.26 11.53 -0.96
C1 EDO H . -13.73 -4.76 -3.01
O1 EDO H . -12.55 -4.87 -2.17
C2 EDO H . -13.57 -3.64 -4.04
O2 EDO H . -13.34 -2.40 -3.38
C1 EDO I . 26.17 -6.11 5.66
O1 EDO I . 26.84 -4.85 5.54
C2 EDO I . 25.49 -6.50 4.35
O2 EDO I . 24.46 -5.54 4.06
C1 EDO J . 18.11 1.76 2.36
O1 EDO J . 17.84 0.45 1.90
C2 EDO J . 18.26 1.68 3.85
O2 EDO J . 17.94 2.95 4.41
C1 EDO K . -28.78 0.21 -6.25
O1 EDO K . -28.29 -1.11 -5.96
C2 EDO K . -29.05 0.94 -4.94
O2 EDO K . -29.49 2.28 -5.20
C1 EDO L . -3.64 -8.29 16.42
O1 EDO L . -4.04 -9.35 15.51
C2 EDO L . -4.03 -8.64 17.86
O2 EDO L . -3.10 -8.09 18.81
C FMT M . 20.85 0.48 -1.73
O1 FMT M . 20.03 0.21 -0.85
O2 FMT M . 20.58 1.23 -2.67
C FMT N . 23.67 -4.28 1.32
O1 FMT N . 24.80 -4.77 1.38
O2 FMT N . 23.47 -3.07 1.23
C FMT O . -2.67 11.14 -17.34
O1 FMT O . -2.63 10.78 -16.16
O2 FMT O . -3.40 10.59 -18.19
C FMT P . -3.99 16.32 -17.58
O1 FMT P . -4.14 16.87 -16.49
O2 FMT P . -3.36 15.26 -17.70
#